data_4XHW
#
_entry.id   4XHW
#
_cell.length_a   66.597
_cell.length_b   100.083
_cell.length_c   149.581
_cell.angle_alpha   90.000
_cell.angle_beta   90.000
_cell.angle_gamma   90.000
#
_symmetry.space_group_name_H-M   'C 2 2 21'
#
_entity_poly.entity_id   1
_entity_poly.type   'polypeptide(L)'
_entity_poly.pdbx_seq_one_letter_code
;GSH(MSE)VLSNENLNQSLHQEGFSIPLLWLQNCLIRAADDREEDGCSQAVPLVPLTEENEEA(MSE)ENEQFQQLLRKL
GVRPPASGQETFWRIPAKLSPTQLRRAAASL
;
_entity_poly.pdbx_strand_id   A,B,C,D
#
# COMPACT_ATOMS: atom_id res chain seq x y z
N ASN A 12 15.99 28.46 -9.64
CA ASN A 12 14.65 28.38 -9.09
C ASN A 12 13.64 28.92 -10.08
N GLN A 13 13.75 30.20 -10.42
CA GLN A 13 12.85 30.74 -11.41
C GLN A 13 13.18 30.08 -12.76
N SER A 14 14.45 29.76 -12.96
CA SER A 14 14.91 29.14 -14.18
C SER A 14 14.19 27.82 -14.39
N LEU A 15 13.95 27.11 -13.28
CA LEU A 15 13.22 25.86 -13.33
C LEU A 15 11.74 26.09 -13.68
N HIS A 16 11.17 27.20 -13.22
CA HIS A 16 9.84 27.57 -13.64
C HIS A 16 9.81 27.69 -15.14
N GLN A 17 10.91 28.11 -15.72
CA GLN A 17 10.96 28.31 -17.14
C GLN A 17 11.24 27.05 -17.96
N GLU A 18 11.68 25.99 -17.35
CA GLU A 18 11.93 24.76 -18.07
C GLU A 18 10.75 23.84 -17.99
N GLY A 19 9.71 24.27 -17.34
CA GLY A 19 8.46 23.58 -17.38
C GLY A 19 8.13 22.89 -16.12
N PHE A 20 8.81 23.27 -15.07
CA PHE A 20 8.69 22.56 -13.80
C PHE A 20 7.86 23.26 -12.75
N SER A 21 6.99 24.18 -13.13
CA SER A 21 6.25 24.91 -12.13
C SER A 21 5.42 24.01 -11.21
N ILE A 22 4.75 23.01 -11.79
CA ILE A 22 3.89 22.14 -10.98
C ILE A 22 4.67 21.41 -9.86
N PRO A 23 5.77 20.70 -10.18
CA PRO A 23 6.57 20.11 -9.10
C PRO A 23 7.08 21.14 -8.11
N LEU A 24 7.38 22.34 -8.59
CA LEU A 24 7.85 23.39 -7.69
C LEU A 24 6.79 23.74 -6.65
N LEU A 25 5.55 23.90 -7.11
CA LEU A 25 4.49 24.21 -6.18
C LEU A 25 4.28 23.06 -5.22
N TRP A 26 4.42 21.84 -5.74
CA TRP A 26 4.32 20.66 -4.91
C TRP A 26 5.34 20.70 -3.78
N LEU A 27 6.58 20.96 -4.17
CA LEU A 27 7.69 21.04 -3.24
C LEU A 27 7.39 22.09 -2.20
N GLN A 28 6.94 23.25 -2.67
CA GLN A 28 6.56 24.34 -1.80
C GLN A 28 5.62 23.84 -0.73
N ASN A 29 4.59 23.08 -1.13
CA ASN A 29 3.63 22.57 -0.14
C ASN A 29 4.18 21.59 0.84
N CYS A 30 5.10 20.76 0.37
CA CYS A 30 5.68 19.78 1.26
C CYS A 30 6.48 20.52 2.32
N LEU A 31 7.21 21.53 1.87
CA LEU A 31 8.00 22.36 2.77
C LEU A 31 7.12 23.07 3.78
N ILE A 32 6.00 23.62 3.33
CA ILE A 32 5.14 24.36 4.25
C ILE A 32 4.46 23.42 5.27
N ARG A 33 4.09 22.22 4.83
CA ARG A 33 3.49 21.27 5.74
C ARG A 33 4.50 20.77 6.75
N ALA A 34 5.75 20.64 6.33
CA ALA A 34 6.80 20.23 7.24
C ALA A 34 6.98 21.32 8.28
N ALA A 35 6.98 22.56 7.80
CA ALA A 35 7.08 23.70 8.70
C ALA A 35 6.00 23.62 9.78
N ASP A 36 4.76 23.38 9.37
CA ASP A 36 3.65 23.31 10.30
C ASP A 36 3.68 22.13 11.26
N ASP A 37 4.00 20.95 10.73
CA ASP A 37 4.06 19.75 11.54
C ASP A 37 5.17 19.85 12.59
N ARG A 38 6.23 20.62 12.31
CA ARG A 38 7.29 20.76 13.29
C ARG A 38 6.92 21.75 14.39
N GLU A 39 5.69 22.27 14.34
CA GLU A 39 5.14 23.10 15.43
C GLU A 39 4.06 22.39 16.28
N GLU A 40 3.66 21.19 15.86
CA GLU A 40 2.65 20.41 16.59
C GLU A 40 3.32 19.32 17.38
N SER A 44 9.73 17.27 14.60
CA SER A 44 10.87 16.56 15.19
C SER A 44 11.40 15.41 14.33
N GLN A 45 10.77 15.14 13.20
CA GLN A 45 11.20 14.01 12.35
C GLN A 45 11.74 14.43 10.99
N ALA A 46 12.67 13.66 10.43
CA ALA A 46 13.04 13.89 9.04
C ALA A 46 11.89 13.30 8.26
N VAL A 47 11.41 13.99 7.24
CA VAL A 47 10.26 13.49 6.47
C VAL A 47 10.62 13.30 5.01
N PRO A 48 10.14 12.20 4.42
CA PRO A 48 10.46 11.94 3.01
C PRO A 48 9.65 12.78 2.01
N LEU A 49 10.33 13.25 0.97
CA LEU A 49 9.64 13.84 -0.17
C LEU A 49 9.17 12.71 -1.04
N VAL A 50 7.87 12.45 -0.95
CA VAL A 50 7.23 11.37 -1.70
C VAL A 50 6.47 11.88 -2.92
N PRO A 51 7.07 11.72 -4.10
CA PRO A 51 6.44 12.07 -5.38
C PRO A 51 5.38 11.06 -5.77
N LEU A 52 4.14 11.48 -5.97
CA LEU A 52 3.09 10.52 -6.28
C LEU A 52 2.58 10.61 -7.71
N THR A 53 3.07 11.57 -8.47
CA THR A 53 2.66 11.73 -9.85
C THR A 53 3.85 11.64 -10.81
N GLU A 54 3.56 11.32 -12.07
CA GLU A 54 4.62 11.13 -13.07
C GLU A 54 5.44 12.40 -13.21
N GLU A 55 4.82 13.57 -13.00
CA GLU A 55 5.55 14.81 -13.25
C GLU A 55 6.46 15.18 -12.08
N ASN A 56 6.00 14.94 -10.86
CA ASN A 56 6.83 15.16 -9.67
C ASN A 56 7.96 14.16 -9.59
N GLU A 57 7.64 12.94 -10.01
CA GLU A 57 8.62 11.88 -10.09
C GLU A 57 9.70 12.30 -11.08
N GLU A 58 9.26 12.82 -12.22
CA GLU A 58 10.18 13.29 -13.23
C GLU A 58 11.10 14.34 -12.67
N ALA A 59 10.54 15.24 -11.84
CA ALA A 59 11.33 16.32 -11.24
C ALA A 59 12.45 15.82 -10.32
N MSE A 60 12.12 14.97 -9.36
CA MSE A 60 13.14 14.37 -8.49
C MSE A 60 14.27 13.64 -9.22
O MSE A 60 15.33 13.39 -8.65
CB MSE A 60 12.47 13.38 -7.54
CG MSE A 60 11.29 13.98 -6.84
SE MSE A 60 11.79 15.22 -5.42
CE MSE A 60 13.06 14.10 -4.47
N GLU A 61 14.06 13.28 -10.48
CA GLU A 61 15.10 12.54 -11.17
C GLU A 61 15.86 13.43 -12.10
N ASN A 62 15.52 14.71 -12.04
CA ASN A 62 16.15 15.76 -12.84
C ASN A 62 17.29 16.48 -12.11
N GLU A 63 18.41 16.69 -12.79
CA GLU A 63 19.64 17.18 -12.15
C GLU A 63 19.57 18.60 -11.63
N GLN A 64 18.80 19.42 -12.32
CA GLN A 64 18.70 20.83 -11.99
C GLN A 64 17.78 21.02 -10.80
N PHE A 65 16.70 20.24 -10.79
CA PHE A 65 15.75 20.24 -9.69
C PHE A 65 16.46 19.73 -8.44
N GLN A 66 17.25 18.67 -8.60
CA GLN A 66 17.96 18.13 -7.46
C GLN A 66 18.93 19.16 -6.93
N GLN A 67 19.65 19.86 -7.82
CA GLN A 67 20.59 20.88 -7.35
C GLN A 67 19.83 21.93 -6.51
N LEU A 68 18.60 22.22 -6.92
CA LEU A 68 17.78 23.14 -6.14
C LEU A 68 17.45 22.56 -4.75
N LEU A 69 17.07 21.29 -4.70
CA LEU A 69 16.75 20.64 -3.42
C LEU A 69 17.96 20.71 -2.50
N ARG A 70 19.16 20.61 -3.04
CA ARG A 70 20.32 20.70 -2.17
C ARG A 70 20.48 22.12 -1.66
N LYS A 71 20.20 23.11 -2.49
CA LYS A 71 20.32 24.48 -1.99
C LYS A 71 19.30 24.79 -0.89
N LEU A 72 18.10 24.29 -0.99
CA LEU A 72 17.10 24.49 0.07
C LEU A 72 17.41 23.67 1.33
N GLY A 73 18.38 22.76 1.26
CA GLY A 73 18.78 22.00 2.43
C GLY A 73 18.15 20.63 2.58
N VAL A 74 17.50 20.14 1.52
CA VAL A 74 16.95 18.78 1.52
C VAL A 74 18.08 17.79 1.26
N ARG A 75 18.11 16.65 1.95
CA ARG A 75 19.18 15.67 1.73
C ARG A 75 18.73 14.51 0.85
N PRO A 76 19.63 14.06 -0.03
CA PRO A 76 19.28 12.93 -0.89
C PRO A 76 19.09 11.66 -0.06
N PRO A 77 18.54 10.62 -0.69
CA PRO A 77 18.31 9.40 0.08
C PRO A 77 19.61 8.65 0.31
N ALA A 78 19.66 7.97 1.45
CA ALA A 78 20.75 7.06 1.81
C ALA A 78 20.78 5.82 0.89
N SER A 79 21.84 5.67 0.11
CA SER A 79 21.94 4.54 -0.83
C SER A 79 21.82 3.17 -0.17
N GLY A 80 20.89 2.36 -0.69
CA GLY A 80 20.70 1.00 -0.22
C GLY A 80 19.76 0.89 0.94
N GLN A 81 19.36 2.02 1.51
CA GLN A 81 18.44 1.96 2.65
C GLN A 81 17.19 2.81 2.42
N GLU A 82 17.31 3.90 1.66
CA GLU A 82 16.16 4.77 1.35
C GLU A 82 15.87 4.98 -0.15
N THR A 83 14.64 5.34 -0.46
CA THR A 83 14.24 5.69 -1.82
C THR A 83 14.07 7.20 -1.95
N PHE A 84 13.51 7.83 -0.92
CA PHE A 84 13.11 9.22 -1.01
C PHE A 84 14.13 10.19 -0.42
N TRP A 85 14.18 11.40 -0.97
CA TRP A 85 14.93 12.47 -0.33
C TRP A 85 14.21 12.75 0.96
N ARG A 86 14.95 13.33 1.90
CA ARG A 86 14.40 13.70 3.17
C ARG A 86 14.54 15.18 3.42
N ILE A 87 13.47 15.77 3.95
CA ILE A 87 13.60 17.07 4.57
C ILE A 87 14.18 16.83 5.95
N PRO A 88 15.46 17.16 6.16
CA PRO A 88 16.16 16.90 7.41
C PRO A 88 15.45 17.49 8.62
N ALA A 89 15.62 16.90 9.79
CA ALA A 89 15.01 17.44 11.00
C ALA A 89 15.56 18.82 11.41
N LYS A 90 16.78 19.14 10.97
CA LYS A 90 17.46 20.37 11.39
C LYS A 90 16.84 21.63 10.83
N LEU A 91 16.03 21.51 9.80
CA LEU A 91 15.42 22.70 9.24
C LEU A 91 14.33 23.16 10.20
N SER A 92 14.38 24.42 10.59
CA SER A 92 13.38 24.97 11.47
C SER A 92 12.14 25.27 10.67
N PRO A 93 10.98 25.31 11.32
CA PRO A 93 9.78 25.81 10.65
C PRO A 93 10.05 27.12 9.88
N THR A 94 10.82 28.01 10.49
CA THR A 94 11.22 29.27 9.85
C THR A 94 12.04 29.09 8.56
N GLN A 95 13.07 28.27 8.68
CA GLN A 95 13.90 27.92 7.54
C GLN A 95 13.05 27.35 6.40
N LEU A 96 12.10 26.50 6.75
CA LEU A 96 11.22 25.85 5.79
C LEU A 96 10.33 26.89 5.09
N ARG A 97 9.71 27.79 5.85
CA ARG A 97 8.85 28.81 5.25
C ARG A 97 9.65 29.71 4.32
N ARG A 98 10.92 29.93 4.67
CA ARG A 98 11.77 30.79 3.84
C ARG A 98 12.17 30.08 2.53
N ALA A 99 12.47 28.80 2.62
CA ALA A 99 12.77 28.05 1.41
C ALA A 99 11.54 28.04 0.50
N ALA A 100 10.38 27.71 1.06
CA ALA A 100 9.14 27.70 0.30
C ALA A 100 8.89 29.02 -0.38
N ALA A 101 9.20 30.09 0.35
CA ALA A 101 8.94 31.43 -0.15
C ALA A 101 9.86 31.81 -1.31
N SER A 102 11.03 31.20 -1.39
CA SER A 102 11.88 31.52 -2.55
C SER A 102 11.45 30.75 -3.81
N LEU A 103 10.34 30.03 -3.74
CA LEU A 103 9.82 29.28 -4.90
C LEU A 103 8.71 30.03 -5.67
N ASN B 12 11.34 -16.15 -3.67
CA ASN B 12 9.99 -16.15 -3.08
C ASN B 12 10.14 -16.17 -1.59
N GLN B 13 10.36 -17.42 -1.18
CA GLN B 13 10.47 -17.94 0.17
C GLN B 13 11.64 -17.43 1.04
N SER B 14 12.81 -17.27 0.43
CA SER B 14 13.96 -16.85 1.21
C SER B 14 13.85 -15.42 1.79
N LEU B 15 13.25 -14.53 1.02
CA LEU B 15 13.07 -13.17 1.44
C LEU B 15 12.10 -13.17 2.60
N HIS B 16 11.14 -14.08 2.48
CA HIS B 16 10.17 -14.31 3.52
C HIS B 16 10.89 -14.67 4.81
N GLN B 17 11.92 -15.49 4.69
CA GLN B 17 12.67 -15.94 5.86
C GLN B 17 13.61 -14.84 6.39
N GLU B 18 13.91 -13.86 5.56
CA GLU B 18 14.76 -12.75 6.01
C GLU B 18 13.96 -11.56 6.60
N GLY B 19 12.63 -11.66 6.61
CA GLY B 19 11.80 -10.66 7.27
C GLY B 19 11.00 -9.71 6.39
N PHE B 20 10.87 -10.06 5.12
CA PHE B 20 10.27 -9.15 4.16
C PHE B 20 8.83 -9.50 3.87
N SER B 21 8.20 -10.23 4.79
CA SER B 21 6.85 -10.69 4.58
C SER B 21 5.87 -9.53 4.41
N ILE B 22 6.02 -8.46 5.19
CA ILE B 22 5.16 -7.29 4.99
C ILE B 22 5.34 -6.65 3.58
N PRO B 23 6.59 -6.34 3.17
CA PRO B 23 6.75 -5.87 1.79
C PRO B 23 6.24 -6.83 0.75
N LEU B 24 6.43 -8.12 1.00
CA LEU B 24 5.98 -9.14 0.06
C LEU B 24 4.48 -9.09 -0.08
N LEU B 25 3.79 -8.93 1.05
CA LEU B 25 2.34 -8.89 1.07
C LEU B 25 1.88 -7.72 0.26
N TRP B 26 2.60 -6.62 0.43
CA TRP B 26 2.32 -5.43 -0.34
C TRP B 26 2.41 -5.69 -1.85
N LEU B 27 3.52 -6.27 -2.26
CA LEU B 27 3.77 -6.56 -3.67
C LEU B 27 2.64 -7.40 -4.21
N GLN B 28 2.35 -8.44 -3.46
CA GLN B 28 1.27 -9.35 -3.81
C GLN B 28 -0.04 -8.59 -4.06
N ASN B 29 -0.35 -7.63 -3.18
CA ASN B 29 -1.56 -6.87 -3.41
C ASN B 29 -1.46 -6.01 -4.67
N CYS B 30 -0.27 -5.52 -5.01
CA CYS B 30 -0.20 -4.67 -6.21
C CYS B 30 -0.45 -5.48 -7.49
N LEU B 31 0.15 -6.67 -7.55
CA LEU B 31 -0.05 -7.56 -8.67
C LEU B 31 -1.52 -7.93 -8.81
N ILE B 32 -2.16 -8.27 -7.70
CA ILE B 32 -3.56 -8.69 -7.76
C ILE B 32 -4.56 -7.57 -8.10
N ARG B 33 -4.32 -6.37 -7.59
CA ARG B 33 -5.25 -5.29 -7.88
C ARG B 33 -5.09 -4.89 -9.33
N ALA B 34 -3.84 -4.98 -9.81
CA ALA B 34 -3.57 -4.66 -11.21
C ALA B 34 -4.32 -5.63 -12.11
N ALA B 35 -4.28 -6.91 -11.77
CA ALA B 35 -5.06 -7.89 -12.53
C ALA B 35 -6.55 -7.54 -12.56
N ASP B 36 -7.10 -7.16 -11.41
CA ASP B 36 -8.52 -6.86 -11.37
C ASP B 36 -8.87 -5.69 -12.30
N ASP B 37 -8.02 -4.67 -12.34
CA ASP B 37 -8.28 -3.58 -13.28
C ASP B 37 -8.15 -4.02 -14.74
N ARG B 38 -7.22 -4.93 -15.01
CA ARG B 38 -6.99 -5.33 -16.38
C ARG B 38 -7.98 -6.38 -16.92
N GLU B 39 -8.95 -6.80 -16.10
CA GLU B 39 -9.98 -7.72 -16.63
C GLU B 39 -10.93 -7.05 -17.61
N GLU B 40 -11.28 -5.80 -17.37
CA GLU B 40 -12.04 -5.05 -18.36
C GLU B 40 -11.12 -4.76 -19.55
N ASP B 41 -11.63 -4.95 -20.78
CA ASP B 41 -10.81 -4.77 -21.97
C ASP B 41 -10.51 -3.28 -22.11
N GLY B 42 -9.31 -2.94 -22.57
CA GLY B 42 -8.95 -1.55 -22.81
C GLY B 42 -8.31 -0.83 -21.63
N CYS B 43 -8.34 -1.49 -20.48
CA CYS B 43 -7.80 -0.92 -19.26
C CYS B 43 -6.49 -1.56 -18.84
N SER B 44 -5.41 -1.17 -19.51
CA SER B 44 -4.10 -1.67 -19.13
C SER B 44 -3.16 -0.51 -19.00
N GLN B 45 -2.89 -0.17 -17.75
CA GLN B 45 -2.06 0.95 -17.37
C GLN B 45 -0.82 0.38 -16.71
N ALA B 46 0.32 1.05 -16.82
CA ALA B 46 1.49 0.63 -16.07
C ALA B 46 1.28 1.04 -14.60
N VAL B 47 1.70 0.22 -13.65
CA VAL B 47 1.47 0.61 -12.26
C VAL B 47 2.80 0.80 -11.54
N PRO B 48 2.98 1.95 -10.86
CA PRO B 48 4.23 2.16 -10.13
C PRO B 48 4.19 1.49 -8.77
N LEU B 49 5.27 0.83 -8.39
CA LEU B 49 5.37 0.28 -7.05
C LEU B 49 5.87 1.40 -6.19
N VAL B 50 4.96 2.05 -5.48
CA VAL B 50 5.29 3.18 -4.63
C VAL B 50 5.42 2.71 -3.19
N PRO B 51 6.65 2.66 -2.64
CA PRO B 51 6.80 2.34 -1.21
C PRO B 51 6.33 3.50 -0.34
N LEU B 52 5.39 3.26 0.55
CA LEU B 52 4.81 4.32 1.37
C LEU B 52 5.18 4.22 2.83
N THR B 53 5.96 3.20 3.18
CA THR B 53 6.43 3.02 4.53
C THR B 53 7.94 2.85 4.50
N GLU B 54 8.60 3.08 5.62
CA GLU B 54 10.03 2.94 5.65
C GLU B 54 10.46 1.52 5.29
N GLU B 55 9.62 0.53 5.61
CA GLU B 55 10.02 -0.86 5.41
C GLU B 55 9.87 -1.32 3.96
N ASN B 56 8.83 -0.84 3.29
CA ASN B 56 8.69 -1.12 1.86
C ASN B 56 9.78 -0.40 1.08
N GLU B 57 10.16 0.78 1.55
CA GLU B 57 11.25 1.51 0.98
C GLU B 57 12.51 0.69 1.06
N GLU B 58 12.77 0.24 2.28
CA GLU B 58 13.97 -0.53 2.59
C GLU B 58 13.99 -1.73 1.66
N ALA B 59 12.81 -2.30 1.44
CA ALA B 59 12.67 -3.46 0.56
C ALA B 59 13.04 -3.10 -0.88
N MSE B 60 12.49 -1.99 -1.37
CA MSE B 60 12.75 -1.61 -2.74
C MSE B 60 14.19 -1.22 -2.99
O MSE B 60 14.57 -0.96 -4.13
CB MSE B 60 11.89 -0.45 -3.15
CG MSE B 60 11.56 -0.55 -4.62
SE MSE B 60 10.14 -1.82 -4.66
CE MSE B 60 9.18 -0.74 -3.41
N GLU B 61 14.97 -1.14 -1.91
CA GLU B 61 16.39 -0.86 -2.10
C GLU B 61 17.24 -2.10 -1.81
N ASN B 62 16.58 -3.23 -1.57
CA ASN B 62 17.27 -4.50 -1.32
C ASN B 62 17.53 -5.28 -2.60
N GLU B 63 18.74 -5.81 -2.76
CA GLU B 63 19.11 -6.39 -4.03
C GLU B 63 18.36 -7.70 -4.36
N GLN B 64 17.99 -8.45 -3.32
CA GLN B 64 17.29 -9.72 -3.51
C GLN B 64 15.82 -9.44 -3.82
N PHE B 65 15.26 -8.44 -3.18
CA PHE B 65 13.88 -8.07 -3.45
C PHE B 65 13.75 -7.60 -4.92
N GLN B 66 14.74 -6.86 -5.36
CA GLN B 66 14.78 -6.41 -6.73
C GLN B 66 14.90 -7.59 -7.69
N GLN B 67 15.78 -8.53 -7.36
CA GLN B 67 15.94 -9.71 -8.19
C GLN B 67 14.61 -10.44 -8.38
N LEU B 68 13.85 -10.49 -7.29
CA LEU B 68 12.55 -11.12 -7.33
C LEU B 68 11.65 -10.34 -8.25
N LEU B 69 11.69 -9.02 -8.12
CA LEU B 69 10.85 -8.17 -8.96
C LEU B 69 11.16 -8.41 -10.43
N ARG B 70 12.42 -8.69 -10.77
CA ARG B 70 12.73 -8.93 -12.17
C ARG B 70 12.15 -10.27 -12.60
N LYS B 71 12.25 -11.27 -11.72
CA LYS B 71 11.73 -12.61 -12.06
C LYS B 71 10.25 -12.58 -12.31
N LEU B 72 9.54 -11.74 -11.56
CA LEU B 72 8.11 -11.59 -11.73
C LEU B 72 7.74 -10.77 -12.98
N GLY B 73 8.70 -10.08 -13.60
CA GLY B 73 8.40 -9.30 -14.79
C GLY B 73 8.17 -7.80 -14.59
N VAL B 74 8.54 -7.31 -13.42
CA VAL B 74 8.50 -5.89 -13.13
C VAL B 74 9.69 -5.24 -13.79
N ARG B 75 9.49 -4.05 -14.36
CA ARG B 75 10.59 -3.31 -14.97
C ARG B 75 11.06 -2.23 -14.04
N PRO B 76 12.38 -2.06 -13.98
CA PRO B 76 12.97 -1.02 -13.14
C PRO B 76 12.62 0.36 -13.66
N PRO B 77 12.91 1.39 -12.87
CA PRO B 77 12.53 2.73 -13.34
C PRO B 77 13.47 3.22 -14.42
N ALA B 78 12.95 4.06 -15.30
CA ALA B 78 13.77 4.73 -16.30
C ALA B 78 14.70 5.71 -15.59
N SER B 79 15.99 5.43 -15.60
CA SER B 79 16.91 6.29 -14.90
C SER B 79 16.83 7.73 -15.45
N GLY B 80 16.65 8.70 -14.55
CA GLY B 80 16.54 10.10 -14.93
C GLY B 80 15.12 10.57 -15.18
N GLN B 81 14.16 9.65 -15.20
CA GLN B 81 12.75 9.99 -15.40
C GLN B 81 11.80 9.45 -14.36
N GLU B 82 12.12 8.27 -13.83
CA GLU B 82 11.25 7.63 -12.89
C GLU B 82 11.98 7.31 -11.62
N THR B 83 11.19 7.13 -10.57
CA THR B 83 11.68 6.72 -9.28
C THR B 83 11.30 5.28 -9.00
N PHE B 84 10.08 4.95 -9.40
CA PHE B 84 9.42 3.71 -9.01
C PHE B 84 9.54 2.65 -10.10
N TRP B 85 9.60 1.39 -9.68
CA TRP B 85 9.49 0.27 -10.61
C TRP B 85 8.09 0.22 -11.14
N ARG B 86 7.90 -0.35 -12.32
CA ARG B 86 6.55 -0.51 -12.87
C ARG B 86 6.15 -1.93 -13.21
N ILE B 87 4.90 -2.25 -12.90
CA ILE B 87 4.26 -3.41 -13.50
C ILE B 87 3.81 -2.98 -14.89
N PRO B 88 4.50 -3.47 -15.95
CA PRO B 88 4.24 -3.11 -17.34
C PRO B 88 2.82 -3.39 -17.77
N ALA B 89 2.30 -2.61 -18.70
CA ALA B 89 0.92 -2.76 -19.14
C ALA B 89 0.63 -4.07 -19.87
N LYS B 90 1.65 -4.69 -20.44
CA LYS B 90 1.49 -5.86 -21.31
C LYS B 90 1.05 -7.13 -20.61
N LEU B 91 1.26 -7.16 -19.30
CA LEU B 91 0.97 -8.35 -18.53
C LEU B 91 -0.53 -8.56 -18.41
N SER B 92 -0.94 -9.80 -18.65
CA SER B 92 -2.35 -10.16 -18.56
C SER B 92 -2.67 -10.45 -17.10
N PRO B 93 -3.95 -10.30 -16.74
CA PRO B 93 -4.46 -10.71 -15.42
C PRO B 93 -3.95 -12.06 -15.04
N THR B 94 -3.97 -13.01 -15.96
CA THR B 94 -3.44 -14.31 -15.65
C THR B 94 -1.97 -14.22 -15.28
N GLN B 95 -1.17 -13.57 -16.12
CA GLN B 95 0.23 -13.47 -15.84
C GLN B 95 0.48 -12.88 -14.47
N LEU B 96 -0.27 -11.81 -14.17
CA LEU B 96 -0.13 -11.10 -12.90
C LEU B 96 -0.48 -11.98 -11.71
N ARG B 97 -1.60 -12.69 -11.84
CA ARG B 97 -2.06 -13.57 -10.78
C ARG B 97 -1.05 -14.68 -10.55
N ARG B 98 -0.40 -15.11 -11.62
CA ARG B 98 0.55 -16.19 -11.49
C ARG B 98 1.75 -15.67 -10.72
N ALA B 99 2.13 -14.43 -11.01
CA ALA B 99 3.23 -13.82 -10.30
C ALA B 99 2.93 -13.73 -8.82
N ALA B 100 1.76 -13.18 -8.46
CA ALA B 100 1.40 -13.06 -7.05
C ALA B 100 1.42 -14.41 -6.34
N ALA B 101 0.90 -15.45 -7.02
CA ALA B 101 0.78 -16.78 -6.43
C ALA B 101 2.12 -17.49 -6.21
N SER B 102 3.12 -17.10 -6.99
CA SER B 102 4.46 -17.68 -6.88
C SER B 102 5.35 -17.10 -5.77
N LEU B 103 4.77 -16.30 -4.88
CA LEU B 103 5.55 -15.69 -3.79
C LEU B 103 5.53 -16.55 -2.53
N ASN C 10 -13.15 -32.25 7.73
CA ASN C 10 -14.53 -32.71 7.63
C ASN C 10 -15.51 -31.59 7.26
N LEU C 11 -15.47 -30.46 7.96
CA LEU C 11 -16.30 -29.32 7.57
C LEU C 11 -15.59 -28.63 6.42
N ASN C 12 -14.30 -28.92 6.34
CA ASN C 12 -13.51 -28.67 5.17
C ASN C 12 -14.25 -29.14 3.93
N GLN C 13 -14.58 -30.42 3.89
CA GLN C 13 -15.23 -30.99 2.72
C GLN C 13 -16.59 -30.36 2.41
N SER C 14 -17.37 -30.06 3.44
CA SER C 14 -18.67 -29.47 3.20
C SER C 14 -18.52 -28.11 2.52
N LEU C 15 -17.50 -27.37 2.94
CA LEU C 15 -17.20 -26.10 2.30
C LEU C 15 -16.64 -26.28 0.89
N HIS C 16 -15.86 -27.34 0.70
CA HIS C 16 -15.36 -27.67 -0.62
C HIS C 16 -16.50 -27.84 -1.59
N GLN C 17 -17.57 -28.44 -1.15
CA GLN C 17 -18.68 -28.69 -2.02
C GLN C 17 -19.57 -27.52 -2.22
N GLU C 18 -19.40 -26.48 -1.44
CA GLU C 18 -20.25 -25.32 -1.58
C GLU C 18 -19.60 -24.23 -2.37
N GLY C 19 -18.38 -24.47 -2.81
CA GLY C 19 -17.77 -23.59 -3.77
C GLY C 19 -16.55 -22.91 -3.27
N PHE C 20 -16.12 -23.33 -2.11
CA PHE C 20 -15.13 -22.57 -1.36
C PHE C 20 -13.73 -23.14 -1.41
N SER C 21 -13.45 -23.95 -2.41
CA SER C 21 -12.18 -24.64 -2.48
C SER C 21 -11.02 -23.65 -2.56
N ILE C 22 -11.18 -22.59 -3.35
CA ILE C 22 -10.11 -21.59 -3.47
C ILE C 22 -9.76 -20.87 -2.14
N PRO C 23 -10.78 -20.28 -1.45
CA PRO C 23 -10.47 -19.73 -0.12
C PRO C 23 -9.90 -20.76 0.82
N LEU C 24 -10.35 -22.01 0.71
CA LEU C 24 -9.83 -23.07 1.56
C LEU C 24 -8.35 -23.32 1.35
N LEU C 25 -7.89 -23.38 0.11
CA LEU C 25 -6.46 -23.58 -0.14
C LEU C 25 -5.66 -22.38 0.36
N TRP C 26 -6.22 -21.20 0.14
CA TRP C 26 -5.56 -20.01 0.65
C TRP C 26 -5.37 -20.14 2.16
N LEU C 27 -6.44 -20.43 2.88
CA LEU C 27 -6.40 -20.60 4.32
C LEU C 27 -5.39 -21.66 4.74
N GLN C 28 -5.42 -22.81 4.05
CA GLN C 28 -4.43 -23.84 4.31
C GLN C 28 -3.01 -23.29 4.23
N ASN C 29 -2.73 -22.51 3.20
CA ASN C 29 -1.40 -21.94 3.04
C ASN C 29 -1.05 -20.95 4.13
N CYS C 30 -2.03 -20.19 4.60
CA CYS C 30 -1.77 -19.21 5.65
C CYS C 30 -1.42 -19.89 6.99
N LEU C 31 -2.19 -20.94 7.31
CA LEU C 31 -1.97 -21.73 8.50
C LEU C 31 -0.58 -22.34 8.43
N ILE C 32 -0.23 -22.88 7.25
CA ILE C 32 1.08 -23.48 7.08
C ILE C 32 2.27 -22.50 7.08
N ARG C 33 2.14 -21.32 6.49
CA ARG C 33 3.28 -20.40 6.50
C ARG C 33 3.47 -19.88 7.90
N ALA C 34 2.35 -19.74 8.62
CA ALA C 34 2.43 -19.33 10.01
C ALA C 34 3.10 -20.41 10.86
N ALA C 35 2.72 -21.67 10.60
CA ALA C 35 3.30 -22.83 11.26
C ALA C 35 4.82 -22.81 11.07
N ASP C 36 5.25 -22.52 9.84
CA ASP C 36 6.67 -22.48 9.54
C ASP C 36 7.37 -21.37 10.32
N ASP C 37 6.71 -20.22 10.40
CA ASP C 37 7.30 -19.10 11.13
C ASP C 37 7.49 -19.29 12.63
N ARG C 38 6.57 -19.98 13.29
CA ARG C 38 6.69 -20.08 14.74
C ARG C 38 7.72 -21.10 15.28
N GLU C 39 8.43 -21.76 14.38
CA GLU C 39 9.48 -22.69 14.81
C GLU C 39 10.84 -22.03 14.94
N GLU C 40 10.93 -20.76 14.53
CA GLU C 40 12.18 -20.03 14.58
C GLU C 40 12.22 -19.07 15.76
N ASP C 41 11.05 -18.57 16.15
CA ASP C 41 10.94 -17.63 17.27
C ASP C 41 11.37 -18.27 18.58
N SER C 44 6.46 -16.24 17.03
CA SER C 44 5.93 -16.31 18.39
C SER C 44 4.78 -15.31 18.59
N GLN C 45 4.41 -14.59 17.53
CA GLN C 45 3.37 -13.54 17.60
C GLN C 45 2.13 -13.86 16.73
N ALA C 46 0.99 -13.26 17.09
CA ALA C 46 -0.24 -13.42 16.32
C ALA C 46 -0.20 -12.72 14.98
N VAL C 47 -0.69 -13.39 13.95
CA VAL C 47 -0.66 -12.89 12.58
C VAL C 47 -2.06 -12.78 12.01
N PRO C 48 -2.33 -11.69 11.28
CA PRO C 48 -3.63 -11.48 10.64
C PRO C 48 -3.80 -12.28 9.35
N LEU C 49 -5.02 -12.75 9.12
CA LEU C 49 -5.46 -13.34 7.86
C LEU C 49 -5.83 -12.24 6.88
N VAL C 50 -4.96 -11.98 5.90
CA VAL C 50 -5.23 -10.94 4.93
C VAL C 50 -5.65 -11.46 3.55
N PRO C 51 -6.96 -11.38 3.26
CA PRO C 51 -7.57 -11.74 1.96
C PRO C 51 -7.26 -10.71 0.90
N LEU C 52 -6.68 -11.11 -0.22
CA LEU C 52 -6.33 -10.13 -1.24
C LEU C 52 -7.20 -10.25 -2.48
N THR C 53 -7.99 -11.30 -2.59
CA THR C 53 -8.74 -11.50 -3.83
C THR C 53 -10.19 -11.41 -3.46
N GLU C 54 -11.06 -11.01 -4.38
CA GLU C 54 -12.44 -10.81 -3.94
C GLU C 54 -13.07 -12.11 -3.43
N GLU C 55 -12.62 -13.27 -3.90
CA GLU C 55 -13.29 -14.51 -3.50
C GLU C 55 -12.88 -14.87 -2.07
N ASN C 56 -11.63 -14.56 -1.72
CA ASN C 56 -11.17 -14.72 -0.35
C ASN C 56 -11.82 -13.72 0.62
N GLU C 57 -12.01 -12.50 0.17
CA GLU C 57 -12.68 -11.49 0.96
C GLU C 57 -14.08 -11.97 1.30
N GLU C 58 -14.78 -12.40 0.24
CA GLU C 58 -16.15 -12.87 0.33
C GLU C 58 -16.25 -14.04 1.29
N ALA C 59 -15.26 -14.92 1.24
CA ALA C 59 -15.26 -16.06 2.13
C ALA C 59 -15.15 -15.59 3.57
N MSE C 60 -14.27 -14.62 3.80
CA MSE C 60 -14.09 -14.05 5.14
C MSE C 60 -15.35 -13.40 5.73
O MSE C 60 -15.52 -13.35 6.94
CB MSE C 60 -12.96 -13.04 5.11
CG MSE C 60 -11.63 -13.71 4.91
SE MSE C 60 -11.34 -14.96 6.34
CE MSE C 60 -9.46 -14.94 6.37
N GLU C 61 -16.24 -12.91 4.89
CA GLU C 61 -17.47 -12.35 5.37
C GLU C 61 -18.66 -13.34 5.36
N ASN C 62 -18.37 -14.61 5.02
CA ASN C 62 -19.36 -15.70 5.00
C ASN C 62 -19.44 -16.46 6.33
N GLU C 63 -20.66 -16.70 6.82
CA GLU C 63 -20.86 -17.22 8.18
C GLU C 63 -20.40 -18.67 8.36
N GLN C 64 -20.48 -19.44 7.29
CA GLN C 64 -20.12 -20.83 7.39
C GLN C 64 -18.57 -20.93 7.37
N PHE C 65 -17.96 -20.10 6.54
CA PHE C 65 -16.50 -20.06 6.49
C PHE C 65 -15.97 -19.62 7.85
N GLN C 66 -16.66 -18.65 8.45
CA GLN C 66 -16.29 -18.15 9.78
C GLN C 66 -16.40 -19.24 10.83
N GLN C 67 -17.46 -20.03 10.76
CA GLN C 67 -17.64 -21.12 11.72
C GLN C 67 -16.48 -22.08 11.64
N LEU C 68 -15.98 -22.28 10.41
CA LEU C 68 -14.82 -23.13 10.23
C LEU C 68 -13.61 -22.48 10.90
N LEU C 69 -13.44 -21.18 10.68
CA LEU C 69 -12.30 -20.47 11.27
C LEU C 69 -12.27 -20.61 12.77
N ARG C 70 -13.46 -20.62 13.35
CA ARG C 70 -13.57 -20.71 14.79
C ARG C 70 -13.21 -22.11 15.25
N LYS C 71 -13.69 -23.11 14.52
CA LYS C 71 -13.36 -24.46 14.90
C LYS C 71 -11.86 -24.68 14.83
N LEU C 72 -11.21 -24.08 13.85
CA LEU C 72 -9.77 -24.21 13.73
C LEU C 72 -9.07 -23.41 14.81
N GLY C 73 -9.80 -22.50 15.48
CA GLY C 73 -9.24 -21.71 16.56
C GLY C 73 -8.75 -20.32 16.17
N VAL C 74 -9.10 -19.87 14.97
CA VAL C 74 -8.75 -18.53 14.52
C VAL C 74 -9.63 -17.53 15.26
N ARG C 75 -9.10 -16.40 15.70
CA ARG C 75 -9.97 -15.44 16.37
C ARG C 75 -10.36 -14.24 15.50
N PRO C 76 -11.61 -13.77 15.69
CA PRO C 76 -12.21 -12.64 14.96
C PRO C 76 -11.51 -11.33 15.27
N PRO C 77 -11.80 -10.27 14.49
CA PRO C 77 -11.04 -9.05 14.76
C PRO C 77 -11.52 -8.33 15.99
N ALA C 78 -10.56 -7.67 16.66
CA ALA C 78 -10.85 -6.81 17.79
C ALA C 78 -11.60 -5.57 17.31
N SER C 79 -12.88 -5.49 17.68
CA SER C 79 -13.78 -4.46 17.19
C SER C 79 -13.23 -3.07 17.42
N GLY C 80 -13.10 -2.27 16.36
CA GLY C 80 -12.62 -0.92 16.53
C GLY C 80 -11.12 -0.76 16.47
N GLN C 81 -10.40 -1.87 16.40
CA GLN C 81 -8.95 -1.85 16.31
C GLN C 81 -8.41 -2.58 15.10
N GLU C 82 -9.03 -3.72 14.79
CA GLU C 82 -8.54 -4.60 13.75
C GLU C 82 -9.58 -4.81 12.68
N THR C 83 -9.11 -5.17 11.50
CA THR C 83 -9.97 -5.53 10.37
C THR C 83 -9.99 -7.05 10.19
N PHE C 84 -8.83 -7.66 10.35
CA PHE C 84 -8.61 -9.04 10.01
C PHE C 84 -8.70 -9.98 11.20
N TRP C 85 -9.10 -11.21 10.93
CA TRP C 85 -9.00 -12.27 11.92
C TRP C 85 -7.54 -12.52 12.22
N ARG C 86 -7.27 -13.09 13.38
CA ARG C 86 -5.89 -13.36 13.77
C ARG C 86 -5.71 -14.82 14.06
N ILE C 87 -4.57 -15.34 13.62
CA ILE C 87 -4.06 -16.61 14.12
C ILE C 87 -3.40 -16.37 15.44
N PRO C 88 -4.06 -16.83 16.52
CA PRO C 88 -3.55 -16.57 17.87
C PRO C 88 -2.12 -17.09 18.03
N ALA C 89 -1.33 -16.41 18.86
CA ALA C 89 0.05 -16.80 19.09
C ALA C 89 0.16 -18.17 19.79
N LYS C 90 -0.90 -18.58 20.48
CA LYS C 90 -0.87 -19.77 21.33
C LYS C 90 -0.77 -21.03 20.50
N LEU C 91 -1.11 -20.94 19.22
CA LEU C 91 -1.09 -22.13 18.40
C LEU C 91 0.31 -22.56 18.06
N SER C 92 0.60 -23.83 18.36
CA SER C 92 1.90 -24.36 18.07
C SER C 92 1.86 -24.69 16.59
N PRO C 93 3.03 -24.68 15.95
CA PRO C 93 3.20 -25.10 14.57
C PRO C 93 2.46 -26.40 14.30
N THR C 94 2.54 -27.31 15.26
CA THR C 94 1.87 -28.60 15.21
C THR C 94 0.36 -28.48 15.11
N GLN C 95 -0.21 -27.69 16.01
CA GLN C 95 -1.62 -27.39 16.01
C GLN C 95 -2.01 -26.80 14.64
N LEU C 96 -1.18 -25.87 14.17
CA LEU C 96 -1.44 -25.20 12.91
C LEU C 96 -1.44 -26.18 11.73
N ARG C 97 -0.45 -27.05 11.69
CA ARG C 97 -0.33 -28.01 10.62
C ARG C 97 -1.49 -28.97 10.61
N ARG C 98 -1.97 -29.31 11.80
CA ARG C 98 -3.05 -30.27 11.92
C ARG C 98 -4.36 -29.64 11.46
N ALA C 99 -4.52 -28.34 11.75
CA ALA C 99 -5.67 -27.59 11.22
C ALA C 99 -5.61 -27.58 9.69
N ALA C 100 -4.44 -27.27 9.16
CA ALA C 100 -4.22 -27.25 7.72
C ALA C 100 -4.62 -28.58 7.12
N ALA C 101 -4.26 -29.66 7.80
CA ALA C 101 -4.52 -31.02 7.32
C ALA C 101 -6.00 -31.36 7.39
N SER C 102 -6.77 -30.67 8.24
CA SER C 102 -8.21 -30.93 8.24
C SER C 102 -8.91 -30.26 7.06
N LEU C 103 -8.12 -29.61 6.20
CA LEU C 103 -8.58 -28.91 5.00
C LEU C 103 -8.29 -29.67 3.68
N ASN D 12 -8.97 16.47 8.10
CA ASN D 12 -7.65 16.46 7.49
C ASN D 12 -6.57 16.59 8.56
N GLN D 13 -6.38 17.85 8.89
CA GLN D 13 -5.34 18.33 9.77
C GLN D 13 -5.48 17.76 11.16
N SER D 14 -6.72 17.62 11.60
CA SER D 14 -6.99 17.13 12.95
C SER D 14 -6.47 15.70 13.06
N LEU D 15 -6.60 14.95 11.98
CA LEU D 15 -6.06 13.60 11.91
C LEU D 15 -4.54 13.50 11.82
N HIS D 16 -3.91 14.41 11.08
CA HIS D 16 -2.45 14.49 11.03
C HIS D 16 -1.82 14.65 12.40
N GLN D 17 -2.44 15.51 13.20
CA GLN D 17 -1.93 15.86 14.50
C GLN D 17 -2.16 14.71 15.49
N GLU D 18 -3.10 13.83 15.16
CA GLU D 18 -3.41 12.72 16.05
C GLU D 18 -2.50 11.50 15.79
N GLY D 19 -1.59 11.62 14.82
CA GLY D 19 -0.56 10.61 14.63
C GLY D 19 -0.77 9.69 13.45
N PHE D 20 -1.63 10.11 12.55
CA PHE D 20 -2.06 9.26 11.45
C PHE D 20 -1.46 9.63 10.09
N SER D 21 -0.30 10.27 10.06
CA SER D 21 0.25 10.75 8.78
C SER D 21 0.51 9.63 7.78
N ILE D 22 1.06 8.51 8.24
CA ILE D 22 1.34 7.36 7.35
C ILE D 22 0.09 6.78 6.66
N PRO D 23 -0.97 6.44 7.43
CA PRO D 23 -2.20 6.02 6.75
C PRO D 23 -2.72 7.07 5.78
N LEU D 24 -2.54 8.35 6.12
CA LEU D 24 -2.96 9.44 5.24
C LEU D 24 -2.19 9.36 3.94
N LEU D 25 -0.90 9.12 4.04
CA LEU D 25 -0.10 9.05 2.82
C LEU D 25 -0.55 7.88 1.94
N TRP D 26 -0.81 6.76 2.61
CA TRP D 26 -1.32 5.57 1.95
C TRP D 26 -2.63 5.89 1.21
N LEU D 27 -3.57 6.49 1.92
CA LEU D 27 -4.85 6.89 1.32
C LEU D 27 -4.64 7.83 0.12
N GLN D 28 -3.79 8.83 0.32
CA GLN D 28 -3.46 9.78 -0.73
C GLN D 28 -3.03 9.08 -2.02
N ASN D 29 -2.12 8.11 -1.89
CA ASN D 29 -1.69 7.36 -3.06
C ASN D 29 -2.84 6.52 -3.64
N CYS D 30 -3.76 6.03 -2.81
CA CYS D 30 -4.84 5.21 -3.37
C CYS D 30 -5.72 6.06 -4.27
N LEU D 31 -5.98 7.25 -3.79
CA LEU D 31 -6.77 8.22 -4.52
C LEU D 31 -6.10 8.61 -5.85
N ILE D 32 -4.80 8.90 -5.80
CA ILE D 32 -4.10 9.33 -7.02
C ILE D 32 -3.93 8.21 -8.02
N ARG D 33 -3.68 7.01 -7.54
CA ARG D 33 -3.48 5.91 -8.47
C ARG D 33 -4.83 5.58 -9.12
N ALA D 34 -5.92 5.71 -8.36
CA ALA D 34 -7.25 5.49 -8.95
C ALA D 34 -7.52 6.55 -10.03
N ALA D 35 -7.12 7.79 -9.76
CA ALA D 35 -7.25 8.82 -10.78
C ALA D 35 -6.54 8.43 -12.07
N ASP D 36 -5.29 7.98 -11.92
CA ASP D 36 -4.51 7.67 -13.11
C ASP D 36 -5.15 6.56 -13.91
N ASP D 37 -5.63 5.51 -13.24
CA ASP D 37 -6.28 4.45 -14.02
C ASP D 37 -7.53 4.98 -14.67
N ARG D 38 -8.24 5.88 -14.00
CA ARG D 38 -9.49 6.36 -14.57
C ARG D 38 -9.30 7.42 -15.63
N GLU D 39 -8.06 7.75 -15.94
CA GLU D 39 -7.83 8.73 -17.01
C GLU D 39 -8.16 8.16 -18.37
N GLU D 40 -7.77 6.92 -18.63
CA GLU D 40 -8.19 6.29 -19.88
C GLU D 40 -9.70 6.03 -19.83
N ASP D 41 -10.42 6.47 -20.85
CA ASP D 41 -11.88 6.39 -20.83
C ASP D 41 -12.35 4.96 -21.04
N CYS D 43 -11.79 3.19 -18.39
CA CYS D 43 -11.19 2.32 -17.40
C CYS D 43 -11.54 2.70 -15.99
N SER D 44 -12.75 2.41 -15.56
CA SER D 44 -13.11 2.84 -14.22
C SER D 44 -13.75 1.77 -13.33
N GLN D 45 -12.94 1.22 -12.42
CA GLN D 45 -13.40 0.20 -11.49
C GLN D 45 -13.38 0.71 -10.05
N ALA D 46 -14.23 0.14 -9.21
CA ALA D 46 -14.18 0.47 -7.80
C ALA D 46 -12.92 -0.13 -7.26
N VAL D 47 -12.23 0.58 -6.40
CA VAL D 47 -10.95 0.11 -5.92
C VAL D 47 -11.01 -0.07 -4.42
N PRO D 48 -10.63 -1.25 -3.93
CA PRO D 48 -10.68 -1.51 -2.50
C PRO D 48 -9.49 -0.91 -1.74
N LEU D 49 -9.78 -0.32 -0.57
CA LEU D 49 -8.74 0.13 0.32
C LEU D 49 -8.32 -1.03 1.21
N VAL D 50 -7.19 -1.63 0.88
CA VAL D 50 -6.68 -2.75 1.64
C VAL D 50 -5.56 -2.32 2.59
N PRO D 51 -5.84 -2.32 3.90
CA PRO D 51 -4.79 -2.04 4.88
C PRO D 51 -3.79 -3.18 4.95
N LEU D 52 -2.52 -2.92 4.70
CA LEU D 52 -1.55 -4.01 4.63
C LEU D 52 -0.62 -4.04 5.82
N THR D 53 -0.78 -3.05 6.68
CA THR D 53 0.01 -2.90 7.89
C THR D 53 -0.91 -2.83 9.12
N GLU D 54 -0.37 -3.11 10.30
CA GLU D 54 -1.20 -3.04 11.50
C GLU D 54 -1.73 -1.60 11.71
N GLU D 55 -0.95 -0.62 11.26
CA GLU D 55 -1.32 0.78 11.49
C GLU D 55 -2.41 1.28 10.54
N ASN D 56 -2.34 0.83 9.28
CA ASN D 56 -3.37 1.24 8.33
C ASN D 56 -4.68 0.60 8.78
N GLU D 57 -4.56 -0.59 9.33
CA GLU D 57 -5.71 -1.26 9.89
C GLU D 57 -6.32 -0.46 11.02
N GLU D 58 -5.46 -0.06 11.94
CA GLU D 58 -5.91 0.69 13.09
C GLU D 58 -6.59 1.96 12.63
N ALA D 59 -6.07 2.54 11.57
CA ALA D 59 -6.69 3.74 10.99
C ALA D 59 -8.06 3.42 10.38
N MSE D 60 -8.17 2.30 9.68
CA MSE D 60 -9.43 1.96 9.02
C MSE D 60 -10.52 1.65 10.03
O MSE D 60 -11.70 1.69 9.71
CB MSE D 60 -9.25 0.78 8.08
CG MSE D 60 -8.45 1.10 6.83
SE MSE D 60 -9.28 2.47 5.68
CE MSE D 60 -11.09 1.76 5.66
N GLU D 61 -10.11 1.33 11.26
CA GLU D 61 -11.05 1.00 12.29
C GLU D 61 -11.31 2.19 13.24
N ASN D 62 -10.72 3.35 12.92
CA ASN D 62 -10.88 4.56 13.70
C ASN D 62 -12.03 5.43 13.19
N GLU D 63 -12.84 5.99 14.08
CA GLU D 63 -14.11 6.61 13.65
C GLU D 63 -14.05 8.00 12.94
N GLN D 64 -13.07 8.82 13.29
CA GLN D 64 -12.93 10.08 12.59
C GLN D 64 -12.25 9.84 11.26
N PHE D 65 -11.41 8.83 11.21
CA PHE D 65 -10.82 8.48 9.95
C PHE D 65 -11.90 8.04 8.96
N GLN D 66 -12.87 7.28 9.45
CA GLN D 66 -14.02 6.88 8.66
C GLN D 66 -14.86 8.10 8.29
N GLN D 67 -15.08 9.02 9.22
CA GLN D 67 -15.81 10.23 8.87
C GLN D 67 -15.12 11.01 7.74
N LEU D 68 -13.80 10.97 7.77
CA LEU D 68 -13.04 11.60 6.73
C LEU D 68 -13.27 10.86 5.41
N LEU D 69 -13.23 9.54 5.45
CA LEU D 69 -13.44 8.73 4.25
C LEU D 69 -14.79 9.02 3.63
N ARG D 70 -15.75 9.29 4.47
CA ARG D 70 -17.08 9.55 3.98
C ARG D 70 -17.10 10.93 3.33
N LYS D 71 -16.36 11.88 3.91
CA LYS D 71 -16.30 13.25 3.39
C LYS D 71 -15.75 13.29 1.96
N LEU D 72 -14.70 12.49 1.73
CA LEU D 72 -14.05 12.38 0.42
C LEU D 72 -14.86 11.58 -0.57
N GLY D 73 -15.86 10.86 -0.10
CA GLY D 73 -16.71 10.09 -0.98
C GLY D 73 -16.36 8.62 -1.10
N VAL D 74 -15.51 8.12 -0.19
CA VAL D 74 -15.24 6.69 -0.15
C VAL D 74 -16.42 5.97 0.49
N ARG D 75 -16.84 4.84 -0.06
CA ARG D 75 -17.96 4.14 0.53
C ARG D 75 -17.48 2.97 1.38
N PRO D 76 -18.18 2.72 2.49
CA PRO D 76 -17.91 1.63 3.44
C PRO D 76 -18.17 0.25 2.85
N PRO D 77 -17.71 -0.82 3.52
CA PRO D 77 -17.92 -2.11 2.88
C PRO D 77 -19.38 -2.52 3.00
N ALA D 78 -19.88 -3.23 2.00
CA ALA D 78 -21.23 -3.77 2.06
C ALA D 78 -21.35 -4.84 3.13
N SER D 79 -22.12 -4.55 4.17
CA SER D 79 -22.22 -5.41 5.33
C SER D 79 -22.58 -6.85 4.98
N GLY D 80 -21.75 -7.78 5.44
CA GLY D 80 -21.99 -9.19 5.23
C GLY D 80 -21.42 -9.79 3.98
N GLN D 81 -20.92 -8.94 3.10
CA GLN D 81 -20.33 -9.41 1.83
C GLN D 81 -18.91 -8.86 1.58
N GLU D 82 -18.59 -7.66 2.06
CA GLU D 82 -17.24 -7.09 1.87
C GLU D 82 -16.51 -6.76 3.17
N THR D 83 -15.19 -6.69 3.09
CA THR D 83 -14.36 -6.32 4.23
C THR D 83 -13.84 -4.86 4.09
N PHE D 84 -13.51 -4.49 2.87
CA PHE D 84 -12.80 -3.26 2.62
C PHE D 84 -13.72 -2.14 2.19
N TRP D 85 -13.35 -0.91 2.53
CA TRP D 85 -14.02 0.23 1.95
C TRP D 85 -13.67 0.33 0.49
N ARG D 86 -14.54 0.97 -0.30
CA ARG D 86 -14.26 1.19 -1.73
C ARG D 86 -14.23 2.65 -2.17
N ILE D 87 -13.27 2.93 -3.03
CA ILE D 87 -13.31 4.12 -3.85
C ILE D 87 -14.25 3.81 -4.97
N PRO D 88 -15.46 4.41 -4.94
CA PRO D 88 -16.49 4.12 -5.93
C PRO D 88 -16.00 4.43 -7.33
N ALA D 89 -16.50 3.67 -8.29
CA ALA D 89 -16.11 3.87 -9.67
C ALA D 89 -16.58 5.21 -10.23
N LYS D 90 -17.66 5.75 -9.68
CA LYS D 90 -18.26 6.95 -10.25
C LYS D 90 -17.38 8.20 -10.11
N LEU D 91 -16.36 8.14 -9.25
CA LEU D 91 -15.53 9.33 -9.02
C LEU D 91 -14.55 9.62 -10.17
N SER D 92 -14.52 10.87 -10.59
CA SER D 92 -13.65 11.31 -11.69
C SER D 92 -12.22 11.46 -11.22
N PRO D 93 -11.24 11.31 -12.13
CA PRO D 93 -9.84 11.55 -11.76
C PRO D 93 -9.67 12.83 -10.97
N THR D 94 -10.31 13.91 -11.41
CA THR D 94 -10.28 15.21 -10.70
C THR D 94 -10.86 15.15 -9.28
N GLN D 95 -12.03 14.56 -9.10
CA GLN D 95 -12.58 14.44 -7.75
C GLN D 95 -11.59 13.77 -6.82
N LEU D 96 -10.95 12.73 -7.34
CA LEU D 96 -9.97 11.96 -6.59
C LEU D 96 -8.74 12.83 -6.26
N ARG D 97 -8.23 13.53 -7.26
CA ARG D 97 -7.05 14.39 -7.04
C ARG D 97 -7.34 15.54 -6.05
N ARG D 98 -8.57 16.04 -6.05
CA ARG D 98 -8.94 17.07 -5.10
C ARG D 98 -9.04 16.48 -3.71
N ALA D 99 -9.52 15.25 -3.65
CA ALA D 99 -9.60 14.60 -2.36
C ALA D 99 -8.21 14.42 -1.78
N ALA D 100 -7.32 13.82 -2.57
CA ALA D 100 -5.96 13.59 -2.14
C ALA D 100 -5.32 14.91 -1.76
N ALA D 101 -5.60 15.94 -2.55
CA ALA D 101 -4.97 17.23 -2.33
C ALA D 101 -5.49 17.92 -1.06
N SER D 102 -6.68 17.55 -0.64
CA SER D 102 -7.30 18.13 0.54
C SER D 102 -6.83 17.54 1.88
N LEU D 103 -5.79 16.70 1.86
CA LEU D 103 -5.33 16.02 3.09
C LEU D 103 -4.24 16.80 3.83
#